data_4BRB
#
_entry.id   4BRB
#
_cell.length_a   75.500
_cell.length_b   91.570
_cell.length_c   143.570
_cell.angle_alpha   90.00
_cell.angle_beta   90.00
_cell.angle_gamma   90.00
#
_symmetry.space_group_name_H-M   'P 21 21 21'
#
loop_
_entity.id
_entity.type
_entity.pdbx_description
1 polymer 'DIACYLGLYCEROL KINASE'
2 non-polymer (2R)-2,3-DIHYDROXYPROPYL(7Z)-PENTADEC-7-ENOATE
3 non-polymer 'ZINC ION'
4 non-polymer 'CITRATE ANION'
5 non-polymer 'ACETATE ION'
6 water water
#
_entity_poly.entity_id   1
_entity_poly.type   'polypeptide(L)'
_entity_poly.pdbx_seq_one_letter_code
;GHHHHHHELANNTTGFTRIIKAAGYSWKGLRAAWINEAAFRQEGVAVLLCVVIAAWLDVDAVTRVLLISSVMLVMIVELL
NSAIEAVVDRIGSEYHELSGRAKDLGSAAVLIAIIDAVITWAILLWSHFG
;
_entity_poly.pdbx_strand_id   A,B,C,D,E,F
#
# COMPACT_ATOMS: atom_id res chain seq x y z
N GLY A 15 -7.22 -24.27 6.58
CA GLY A 15 -6.71 -23.04 6.02
C GLY A 15 -7.81 -22.15 5.45
N PHE A 16 -8.70 -22.77 4.67
CA PHE A 16 -9.84 -22.06 4.10
C PHE A 16 -11.13 -22.54 4.75
N THR A 17 -10.97 -23.32 5.82
CA THR A 17 -12.10 -23.80 6.60
C THR A 17 -12.56 -22.73 7.57
N ARG A 18 -11.65 -21.82 7.88
CA ARG A 18 -11.97 -20.60 8.64
C ARG A 18 -12.96 -19.79 7.82
N ILE A 19 -12.72 -19.75 6.51
CA ILE A 19 -13.56 -19.02 5.59
C ILE A 19 -14.97 -19.62 5.54
N ILE A 20 -15.05 -20.93 5.38
CA ILE A 20 -16.35 -21.61 5.31
C ILE A 20 -17.15 -21.45 6.63
N LYS A 21 -16.48 -21.74 7.75
CA LYS A 21 -17.04 -21.52 9.07
C LYS A 21 -17.58 -20.09 9.26
N ALA A 22 -16.74 -19.11 8.95
CA ALA A 22 -17.12 -17.70 9.04
C ALA A 22 -18.31 -17.34 8.13
N ALA A 23 -18.29 -17.84 6.89
CA ALA A 23 -19.42 -17.71 5.97
C ALA A 23 -20.72 -18.17 6.62
N GLY A 24 -20.69 -19.37 7.21
CA GLY A 24 -21.88 -19.97 7.80
C GLY A 24 -22.43 -19.20 8.98
N TYR A 25 -21.53 -18.75 9.85
CA TYR A 25 -21.91 -17.84 10.94
C TYR A 25 -22.56 -16.59 10.38
N SER A 26 -21.94 -16.02 9.34
CA SER A 26 -22.44 -14.76 8.75
C SER A 26 -23.85 -14.91 8.22
N TRP A 27 -24.09 -15.98 7.46
CA TRP A 27 -25.40 -16.27 6.92
C TRP A 27 -26.43 -16.48 8.04
N LYS A 28 -26.07 -17.25 9.07
CA LYS A 28 -26.94 -17.37 10.25
C LYS A 28 -27.29 -16.00 10.84
N GLY A 29 -26.33 -15.07 10.83
CA GLY A 29 -26.55 -13.73 11.34
C GLY A 29 -27.53 -12.90 10.50
N LEU A 30 -27.32 -12.88 9.19
CA LEU A 30 -28.25 -12.18 8.31
C LEU A 30 -29.64 -12.76 8.43
N ARG A 31 -29.72 -14.09 8.44
CA ARG A 31 -31.00 -14.78 8.54
C ARG A 31 -31.71 -14.43 9.86
N ALA A 32 -30.96 -14.40 10.96
CA ALA A 32 -31.56 -14.05 12.25
C ALA A 32 -32.09 -12.61 12.23
N ALA A 33 -31.26 -11.67 11.74
CA ALA A 33 -31.67 -10.28 11.70
C ALA A 33 -32.97 -10.15 10.89
N TRP A 34 -32.99 -10.78 9.73
CA TRP A 34 -34.12 -10.69 8.81
C TRP A 34 -35.40 -11.31 9.40
N ILE A 35 -35.30 -12.56 9.84
CA ILE A 35 -36.42 -13.25 10.45
C ILE A 35 -37.00 -12.50 11.66
N ASN A 36 -36.14 -11.87 12.46
CA ASN A 36 -36.60 -11.30 13.74
C ASN A 36 -37.27 -9.92 13.72
N GLU A 37 -36.94 -9.03 12.78
CA GLU A 37 -37.53 -7.68 12.76
C GLU A 37 -37.94 -7.18 11.38
N ALA A 38 -39.20 -6.78 11.24
CA ALA A 38 -39.65 -6.09 10.02
C ALA A 38 -38.75 -4.89 9.66
N ALA A 39 -38.42 -4.05 10.64
CA ALA A 39 -37.57 -2.88 10.40
C ALA A 39 -36.25 -3.27 9.76
N PHE A 40 -35.66 -4.36 10.22
CA PHE A 40 -34.44 -4.83 9.57
C PHE A 40 -34.70 -5.22 8.10
N ARG A 41 -35.79 -5.96 7.86
CA ARG A 41 -36.15 -6.31 6.48
C ARG A 41 -36.37 -5.09 5.57
N GLN A 42 -37.06 -4.08 6.08
CA GLN A 42 -37.36 -2.86 5.32
C GLN A 42 -36.10 -2.06 5.03
N GLU A 43 -35.22 -2.02 6.02
CA GLU A 43 -33.88 -1.49 5.84
C GLU A 43 -33.11 -2.20 4.72
N GLY A 44 -33.12 -3.53 4.76
CA GLY A 44 -32.43 -4.35 3.79
C GLY A 44 -32.95 -4.11 2.39
N VAL A 45 -34.27 -3.91 2.28
CA VAL A 45 -34.87 -3.54 1.00
C VAL A 45 -34.32 -2.19 0.53
N ALA A 46 -34.26 -1.23 1.44
CA ALA A 46 -33.81 0.10 1.04
C ALA A 46 -32.36 0.05 0.53
N VAL A 47 -31.54 -0.74 1.20
CA VAL A 47 -30.15 -0.89 0.82
C VAL A 47 -30.02 -1.59 -0.52
N LEU A 48 -30.76 -2.68 -0.72
CA LEU A 48 -30.76 -3.36 -2.03
C LEU A 48 -31.21 -2.45 -3.18
N LEU A 49 -32.24 -1.65 -2.94
CA LEU A 49 -32.72 -0.72 -3.95
C LEU A 49 -31.68 0.33 -4.25
N CYS A 50 -30.99 0.81 -3.21
CA CYS A 50 -29.94 1.81 -3.41
C CYS A 50 -28.77 1.26 -4.19
N VAL A 51 -28.39 0.02 -3.87
CA VAL A 51 -27.30 -0.62 -4.57
C VAL A 51 -27.64 -0.81 -6.05
N VAL A 52 -28.83 -1.34 -6.33
CA VAL A 52 -29.28 -1.47 -7.73
C VAL A 52 -29.30 -0.15 -8.48
N ILE A 53 -29.94 0.86 -7.89
CA ILE A 53 -29.96 2.21 -8.47
C ILE A 53 -28.56 2.76 -8.75
N ALA A 54 -27.66 2.60 -7.78
CA ALA A 54 -26.26 3.01 -7.94
C ALA A 54 -25.63 2.26 -9.12
N ALA A 55 -25.98 0.98 -9.26
CA ALA A 55 -25.42 0.11 -10.28
C ALA A 55 -25.87 0.54 -11.67
N TRP A 56 -27.05 1.13 -11.79
CA TRP A 56 -27.55 1.47 -13.12
C TRP A 56 -27.45 2.96 -13.49
N LEU A 57 -26.96 3.76 -12.57
CA LEU A 57 -26.94 5.20 -12.80
C LEU A 57 -25.75 5.60 -13.67
N ASP A 58 -25.96 6.62 -14.50
CA ASP A 58 -24.92 7.15 -15.36
C ASP A 58 -24.07 8.16 -14.60
N VAL A 59 -23.15 7.64 -13.78
CA VAL A 59 -22.24 8.47 -13.01
C VAL A 59 -20.85 7.88 -13.18
N ASP A 60 -19.81 8.59 -12.75
CA ASP A 60 -18.48 7.99 -12.75
C ASP A 60 -18.30 6.93 -11.65
N ALA A 61 -17.18 6.22 -11.73
CA ALA A 61 -16.88 5.06 -10.90
C ALA A 61 -16.78 5.41 -9.41
N VAL A 62 -16.11 6.52 -9.09
CA VAL A 62 -15.99 6.94 -7.68
C VAL A 62 -17.34 7.28 -7.06
N THR A 63 -18.18 7.97 -7.81
CA THR A 63 -19.51 8.33 -7.34
C THR A 63 -20.32 7.07 -7.07
N ARG A 64 -20.26 6.13 -8.01
CA ARG A 64 -20.96 4.87 -7.86
C ARG A 64 -20.50 4.19 -6.57
N VAL A 65 -19.20 4.22 -6.33
CA VAL A 65 -18.65 3.59 -5.14
C VAL A 65 -19.08 4.28 -3.84
N LEU A 66 -19.17 5.60 -3.86
CA LEU A 66 -19.64 6.37 -2.71
C LEU A 66 -21.12 6.13 -2.38
N LEU A 67 -21.94 6.08 -3.41
CA LEU A 67 -23.34 5.75 -3.26
C LEU A 67 -23.48 4.34 -2.69
N ILE A 68 -22.65 3.41 -3.17
CA ILE A 68 -22.73 2.04 -2.65
C ILE A 68 -22.19 1.89 -1.21
N SER A 69 -20.93 2.26 -1.01
CA SER A 69 -20.27 2.27 0.30
C SER A 69 -21.06 2.96 1.41
N SER A 70 -21.72 4.07 1.11
CA SER A 70 -22.45 4.75 2.18
C SER A 70 -23.60 3.89 2.76
N VAL A 71 -24.38 3.27 1.88
CA VAL A 71 -25.49 2.39 2.34
C VAL A 71 -24.96 1.05 2.89
N MET A 72 -23.87 0.56 2.32
CA MET A 72 -23.24 -0.64 2.86
C MET A 72 -22.84 -0.37 4.30
N LEU A 73 -22.30 0.84 4.54
CA LEU A 73 -21.82 1.20 5.87
C LEU A 73 -22.99 1.21 6.83
N VAL A 74 -24.11 1.80 6.40
CA VAL A 74 -25.34 1.68 7.17
C VAL A 74 -25.60 0.25 7.64
N MET A 75 -25.49 -0.70 6.71
CA MET A 75 -25.75 -2.09 7.05
C MET A 75 -24.74 -2.67 8.06
N ILE A 76 -23.47 -2.32 7.87
CA ILE A 76 -22.38 -2.83 8.72
C ILE A 76 -22.59 -2.39 10.17
N VAL A 77 -22.89 -1.10 10.35
CA VAL A 77 -23.08 -0.56 11.68
C VAL A 77 -24.38 -1.04 12.32
N GLU A 78 -25.43 -1.18 11.52
CA GLU A 78 -26.66 -1.77 12.03
C GLU A 78 -26.38 -3.20 12.59
N LEU A 79 -25.58 -3.97 11.86
CA LEU A 79 -25.28 -5.31 12.33
C LEU A 79 -24.38 -5.33 13.59
N LEU A 80 -23.33 -4.53 13.63
CA LEU A 80 -22.48 -4.45 14.83
C LEU A 80 -23.26 -3.98 16.07
N ASN A 81 -24.11 -2.99 15.86
CA ASN A 81 -24.95 -2.49 16.93
C ASN A 81 -25.93 -3.58 17.44
N SER A 82 -26.48 -4.35 16.51
CA SER A 82 -27.34 -5.44 16.91
C SER A 82 -26.56 -6.50 17.70
N ALA A 83 -25.29 -6.68 17.33
CA ALA A 83 -24.41 -7.62 18.02
C ALA A 83 -24.27 -7.21 19.49
N ILE A 84 -23.98 -5.93 19.67
CA ILE A 84 -23.92 -5.33 21.02
C ILE A 84 -25.23 -5.42 21.82
N GLU A 85 -26.38 -5.20 21.16
CA GLU A 85 -27.68 -5.32 21.81
C GLU A 85 -27.87 -6.73 22.31
N ALA A 86 -27.46 -7.69 21.50
CA ALA A 86 -27.56 -9.10 21.89
C ALA A 86 -26.65 -9.43 23.09
N VAL A 87 -25.49 -8.78 23.19
CA VAL A 87 -24.67 -9.02 24.38
C VAL A 87 -25.37 -8.45 25.61
N VAL A 88 -25.88 -7.24 25.48
CA VAL A 88 -26.59 -6.59 26.59
C VAL A 88 -27.77 -7.46 27.05
N ASP A 89 -28.67 -7.77 26.12
CA ASP A 89 -29.80 -8.63 26.41
C ASP A 89 -29.39 -9.98 27.00
N ARG A 90 -28.27 -10.52 26.55
CA ARG A 90 -27.69 -11.72 27.13
C ARG A 90 -27.43 -11.55 28.62
N ILE A 91 -26.86 -10.41 29.00
CA ILE A 91 -26.53 -10.24 30.42
C ILE A 91 -27.77 -10.08 31.31
N GLY A 92 -28.86 -9.57 30.74
CA GLY A 92 -30.10 -9.44 31.47
C GLY A 92 -30.89 -8.20 31.13
N SER A 93 -30.19 -7.11 30.77
CA SER A 93 -30.80 -5.80 30.57
C SER A 93 -31.68 -5.36 31.75
N GLU A 94 -31.38 -5.90 32.93
CA GLU A 94 -32.23 -5.68 34.09
C GLU A 94 -32.10 -4.27 34.65
N TYR A 95 -32.52 -3.30 33.85
CA TYR A 95 -32.52 -1.89 34.23
C TYR A 95 -31.18 -1.43 34.75
N HIS A 96 -30.14 -1.53 33.92
CA HIS A 96 -28.82 -1.11 34.35
C HIS A 96 -28.30 0.13 33.61
N GLU A 97 -27.48 0.90 34.33
CA GLU A 97 -26.96 2.17 33.84
C GLU A 97 -26.18 2.00 32.54
N LEU A 98 -25.24 1.05 32.57
CA LEU A 98 -24.36 0.78 31.45
C LEU A 98 -25.05 0.00 30.34
N SER A 99 -26.13 -0.72 30.65
CA SER A 99 -26.88 -1.40 29.59
C SER A 99 -27.48 -0.32 28.72
N GLY A 100 -28.18 0.60 29.41
CA GLY A 100 -28.75 1.77 28.78
C GLY A 100 -27.71 2.49 27.96
N ARG A 101 -26.62 2.91 28.61
CA ARG A 101 -25.51 3.58 27.95
C ARG A 101 -24.98 2.85 26.70
N ALA A 102 -24.80 1.54 26.81
CA ALA A 102 -24.22 0.76 25.72
C ALA A 102 -25.13 0.82 24.52
N LYS A 103 -26.42 0.60 24.76
CA LYS A 103 -27.39 0.66 23.69
C LYS A 103 -27.52 2.08 23.11
N ASP A 104 -27.38 3.08 23.96
CA ASP A 104 -27.50 4.47 23.53
C ASP A 104 -26.36 4.86 22.58
N LEU A 105 -25.14 4.50 22.95
CA LEU A 105 -23.98 4.73 22.10
C LEU A 105 -24.10 3.96 20.77
N GLY A 106 -24.45 2.68 20.85
CA GLY A 106 -24.65 1.90 19.63
C GLY A 106 -25.66 2.55 18.67
N SER A 107 -26.77 3.02 19.23
CA SER A 107 -27.82 3.66 18.42
C SER A 107 -27.36 4.98 17.80
N ALA A 108 -26.65 5.79 18.58
CA ALA A 108 -26.08 7.02 18.05
C ALA A 108 -25.25 6.64 16.80
N ALA A 109 -24.40 5.62 16.93
CA ALA A 109 -23.59 5.19 15.81
C ALA A 109 -24.42 4.86 14.56
N VAL A 110 -25.46 4.07 14.76
CA VAL A 110 -26.35 3.73 13.65
C VAL A 110 -26.92 4.97 12.97
N LEU A 111 -27.41 5.90 13.78
CA LEU A 111 -28.03 7.11 13.22
C LEU A 111 -27.02 7.96 12.44
N ILE A 112 -25.80 8.09 12.95
CA ILE A 112 -24.79 8.85 12.25
C ILE A 112 -24.55 8.26 10.87
N ALA A 113 -24.44 6.94 10.81
CA ALA A 113 -24.26 6.24 9.55
C ALA A 113 -25.40 6.58 8.56
N ILE A 114 -26.63 6.45 9.03
CA ILE A 114 -27.80 6.74 8.21
C ILE A 114 -27.89 8.18 7.68
N ILE A 115 -27.54 9.15 8.53
CA ILE A 115 -27.63 10.56 8.16
C ILE A 115 -26.58 10.85 7.11
N ASP A 116 -25.39 10.31 7.35
CA ASP A 116 -24.32 10.39 6.37
C ASP A 116 -24.65 9.76 5.02
N ALA A 117 -25.35 8.63 5.02
CA ALA A 117 -25.70 8.00 3.75
C ALA A 117 -26.67 8.89 2.99
N VAL A 118 -27.70 9.37 3.71
CA VAL A 118 -28.72 10.20 3.10
C VAL A 118 -28.14 11.46 2.49
N ILE A 119 -27.35 12.15 3.30
CA ILE A 119 -26.65 13.36 2.87
C ILE A 119 -25.73 13.07 1.68
N THR A 120 -24.89 12.04 1.78
CA THR A 120 -24.03 11.67 0.66
C THR A 120 -24.81 11.48 -0.64
N TRP A 121 -25.94 10.77 -0.56
CA TRP A 121 -26.77 10.59 -1.74
C TRP A 121 -27.30 11.92 -2.27
N ALA A 122 -27.71 12.81 -1.37
CA ALA A 122 -28.28 14.09 -1.81
C ALA A 122 -27.23 15.00 -2.48
N ILE A 123 -26.04 15.10 -1.87
CA ILE A 123 -24.92 15.82 -2.46
C ILE A 123 -24.61 15.25 -3.83
N LEU A 124 -24.33 13.94 -3.88
CA LEU A 124 -23.92 13.34 -5.14
C LEU A 124 -24.98 13.47 -6.26
N LEU A 125 -26.25 13.25 -5.91
CA LEU A 125 -27.30 13.38 -6.91
C LEU A 125 -27.67 14.83 -7.24
N TRP A 126 -27.26 15.77 -6.39
CA TRP A 126 -27.38 17.20 -6.72
C TRP A 126 -26.33 17.58 -7.73
N SER A 127 -25.11 17.11 -7.51
CA SER A 127 -24.02 17.36 -8.44
C SER A 127 -24.31 16.67 -9.77
N HIS A 128 -25.02 15.54 -9.72
CA HIS A 128 -25.32 14.75 -10.91
C HIS A 128 -26.42 15.34 -11.80
N PHE A 129 -27.55 15.72 -11.20
CA PHE A 129 -28.66 16.25 -11.97
C PHE A 129 -28.64 17.78 -11.97
N ALA B 32 -1.17 -5.53 24.57
CA ALA B 32 -1.36 -6.01 23.20
C ALA B 32 -0.64 -7.34 22.98
N ALA B 33 -1.40 -8.43 22.99
CA ALA B 33 -0.86 -9.77 22.77
C ALA B 33 -1.65 -10.47 21.67
N TRP B 34 -2.63 -9.76 21.14
CA TRP B 34 -3.53 -10.28 20.12
C TRP B 34 -2.89 -10.29 18.74
N ILE B 35 -1.90 -9.42 18.54
CA ILE B 35 -1.23 -9.28 17.25
C ILE B 35 -0.48 -10.56 16.83
N ASN B 36 -0.17 -11.42 17.80
CA ASN B 36 0.56 -12.66 17.53
C ASN B 36 -0.28 -13.79 16.95
N GLU B 37 -1.60 -13.72 17.14
CA GLU B 37 -2.48 -14.79 16.71
C GLU B 37 -2.56 -14.89 15.17
N ALA B 38 -2.52 -16.12 14.66
CA ALA B 38 -2.42 -16.40 13.23
C ALA B 38 -3.52 -15.77 12.38
N ALA B 39 -4.74 -15.71 12.93
CA ALA B 39 -5.90 -15.19 12.21
C ALA B 39 -5.81 -13.68 11.96
N PHE B 40 -5.45 -12.92 13.00
CA PHE B 40 -5.20 -11.49 12.82
C PHE B 40 -3.99 -11.26 11.93
N ARG B 41 -3.03 -12.19 12.02
CA ARG B 41 -1.86 -12.16 11.16
C ARG B 41 -2.29 -12.19 9.70
N GLN B 42 -3.08 -13.20 9.34
CA GLN B 42 -3.58 -13.37 7.98
C GLN B 42 -4.42 -12.19 7.48
N GLU B 43 -5.45 -11.84 8.26
CA GLU B 43 -6.34 -10.76 7.84
C GLU B 43 -5.57 -9.44 7.69
N GLY B 44 -4.83 -9.09 8.73
CA GLY B 44 -4.02 -7.90 8.75
C GLY B 44 -2.98 -7.84 7.64
N VAL B 45 -2.39 -8.97 7.29
CA VAL B 45 -1.37 -8.95 6.25
C VAL B 45 -2.03 -8.73 4.88
N ALA B 46 -3.21 -9.32 4.70
CA ALA B 46 -3.98 -9.06 3.49
C ALA B 46 -4.24 -7.57 3.34
N VAL B 47 -4.79 -6.98 4.40
CA VAL B 47 -5.12 -5.56 4.37
C VAL B 47 -3.88 -4.71 4.08
N LEU B 48 -2.79 -5.03 4.75
CA LEU B 48 -1.56 -4.26 4.60
C LEU B 48 -1.07 -4.32 3.16
N LEU B 49 -1.13 -5.52 2.58
CA LEU B 49 -0.69 -5.71 1.21
C LEU B 49 -1.51 -4.82 0.28
N CYS B 50 -2.83 -4.90 0.44
CA CYS B 50 -3.71 -4.07 -0.35
C CYS B 50 -3.40 -2.57 -0.22
N VAL B 51 -3.02 -2.15 0.98
CA VAL B 51 -2.72 -0.73 1.19
C VAL B 51 -1.43 -0.35 0.43
N VAL B 52 -0.42 -1.22 0.49
CA VAL B 52 0.81 -0.97 -0.26
C VAL B 52 0.57 -0.89 -1.79
N ILE B 53 -0.12 -1.88 -2.33
CA ILE B 53 -0.46 -1.92 -3.75
C ILE B 53 -1.21 -0.66 -4.16
N ALA B 54 -2.17 -0.24 -3.34
CA ALA B 54 -2.91 0.99 -3.62
C ALA B 54 -1.97 2.20 -3.56
N ALA B 55 -0.92 2.10 -2.75
CA ALA B 55 -0.01 3.23 -2.62
C ALA B 55 0.85 3.34 -3.89
N TRP B 56 0.98 2.24 -4.60
CA TRP B 56 1.84 2.24 -5.79
C TRP B 56 1.13 2.49 -7.14
N LEU B 57 -0.14 2.16 -7.20
CA LEU B 57 -0.94 2.23 -8.42
C LEU B 57 -0.93 3.61 -9.12
N ASP B 58 -1.13 3.61 -10.44
CA ASP B 58 -1.27 4.85 -11.20
C ASP B 58 -2.73 5.26 -11.27
N VAL B 59 -3.27 5.76 -10.17
CA VAL B 59 -4.65 6.22 -10.15
C VAL B 59 -4.74 7.65 -9.62
N ASP B 60 -5.86 8.32 -9.86
CA ASP B 60 -6.04 9.63 -9.25
C ASP B 60 -6.27 9.50 -7.72
N ALA B 61 -6.31 10.63 -7.05
CA ALA B 61 -6.28 10.68 -5.58
C ALA B 61 -7.52 10.05 -4.95
N VAL B 62 -8.70 10.41 -5.43
CA VAL B 62 -9.96 9.94 -4.87
C VAL B 62 -10.10 8.41 -4.97
N THR B 63 -9.64 7.86 -6.07
CA THR B 63 -9.61 6.42 -6.29
C THR B 63 -8.67 5.76 -5.29
N ARG B 64 -7.49 6.35 -5.11
CA ARG B 64 -6.48 5.82 -4.18
C ARG B 64 -7.04 5.76 -2.75
N VAL B 65 -7.59 6.89 -2.30
CA VAL B 65 -8.29 6.96 -1.03
C VAL B 65 -9.42 5.93 -0.87
N LEU B 66 -10.20 5.71 -1.92
CA LEU B 66 -11.27 4.73 -1.85
C LEU B 66 -10.73 3.29 -1.68
N LEU B 67 -9.66 2.98 -2.41
CA LEU B 67 -9.08 1.65 -2.39
C LEU B 67 -8.49 1.35 -0.99
N ILE B 68 -7.82 2.34 -0.41
CA ILE B 68 -7.20 2.21 0.91
C ILE B 68 -8.25 2.12 2.04
N SER B 69 -9.31 2.94 1.92
CA SER B 69 -10.40 3.01 2.90
C SER B 69 -11.26 1.74 2.96
N SER B 70 -11.60 1.17 1.82
CA SER B 70 -12.43 -0.03 1.84
C SER B 70 -11.73 -1.16 2.61
N VAL B 71 -10.42 -1.28 2.39
CA VAL B 71 -9.71 -2.42 3.01
C VAL B 71 -9.50 -2.12 4.49
N MET B 72 -9.15 -0.87 4.81
CA MET B 72 -9.00 -0.54 6.21
C MET B 72 -10.30 -0.69 6.98
N LEU B 73 -11.43 -0.46 6.31
CA LEU B 73 -12.72 -0.62 6.96
C LEU B 73 -12.89 -2.11 7.27
N VAL B 74 -12.40 -2.97 6.38
CA VAL B 74 -12.45 -4.40 6.69
C VAL B 74 -11.64 -4.74 7.95
N MET B 75 -10.44 -4.19 8.07
CA MET B 75 -9.69 -4.32 9.32
C MET B 75 -10.41 -3.81 10.58
N ILE B 76 -10.99 -2.61 10.46
CA ILE B 76 -11.72 -2.01 11.57
C ILE B 76 -12.84 -2.95 12.04
N VAL B 77 -13.76 -3.26 11.13
CA VAL B 77 -14.84 -4.19 11.42
C VAL B 77 -14.39 -5.53 12.02
N GLU B 78 -13.35 -6.14 11.47
CA GLU B 78 -12.84 -7.38 12.09
C GLU B 78 -12.37 -7.17 13.54
N LEU B 79 -11.73 -6.03 13.81
CA LEU B 79 -11.31 -5.73 15.18
C LEU B 79 -12.51 -5.59 16.12
N LEU B 80 -13.56 -4.92 15.65
CA LEU B 80 -14.77 -4.69 16.46
C LEU B 80 -15.51 -6.01 16.75
N ASN B 81 -15.63 -6.82 15.70
CA ASN B 81 -16.17 -8.15 15.80
C ASN B 81 -15.44 -8.98 16.86
N SER B 82 -14.11 -8.95 16.79
CA SER B 82 -13.33 -9.72 17.74
C SER B 82 -13.51 -9.19 19.16
N ALA B 83 -13.70 -7.87 19.28
CA ALA B 83 -13.94 -7.27 20.60
C ALA B 83 -15.23 -7.83 21.23
N ILE B 84 -16.29 -7.87 20.41
CA ILE B 84 -17.57 -8.43 20.82
C ILE B 84 -17.48 -9.92 21.19
N GLU B 85 -16.77 -10.69 20.39
CA GLU B 85 -16.51 -12.08 20.70
C GLU B 85 -15.80 -12.21 22.06
N ALA B 86 -14.87 -11.30 22.32
CA ALA B 86 -14.12 -11.33 23.57
C ALA B 86 -15.04 -11.09 24.79
N VAL B 87 -15.98 -10.14 24.64
CA VAL B 87 -16.97 -9.87 25.68
C VAL B 87 -17.91 -11.06 25.94
N VAL B 88 -18.50 -11.58 24.85
CA VAL B 88 -19.30 -12.81 24.93
C VAL B 88 -18.56 -13.92 25.69
N ASP B 89 -17.32 -14.18 25.32
CA ASP B 89 -16.52 -15.20 26.00
C ASP B 89 -16.17 -14.84 27.44
N ARG B 90 -16.11 -13.55 27.72
CA ARG B 90 -15.87 -13.04 29.07
C ARG B 90 -17.02 -13.48 29.97
N ILE B 91 -18.24 -13.43 29.43
CA ILE B 91 -19.40 -13.81 30.23
C ILE B 91 -19.37 -15.27 30.69
N GLY B 92 -18.88 -16.17 29.84
CA GLY B 92 -18.68 -17.54 30.25
C GLY B 92 -18.76 -18.59 29.16
N SER B 93 -18.74 -19.85 29.59
CA SER B 93 -18.76 -21.01 28.70
C SER B 93 -20.17 -21.49 28.36
N GLU B 94 -21.11 -21.41 29.31
CA GLU B 94 -22.48 -21.85 29.05
C GLU B 94 -23.06 -21.15 27.84
N TYR B 95 -23.59 -21.92 26.92
CA TYR B 95 -24.14 -21.34 25.71
C TYR B 95 -25.49 -20.70 25.98
N HIS B 96 -25.72 -19.59 25.32
CA HIS B 96 -27.01 -18.91 25.35
C HIS B 96 -27.23 -18.51 23.91
N GLU B 97 -28.47 -18.58 23.46
CA GLU B 97 -28.81 -18.19 22.09
C GLU B 97 -28.29 -16.79 21.71
N LEU B 98 -28.35 -15.85 22.67
CA LEU B 98 -28.00 -14.46 22.37
C LEU B 98 -26.51 -14.30 22.18
N SER B 99 -25.74 -15.22 22.76
CA SER B 99 -24.30 -15.23 22.54
C SER B 99 -23.97 -15.61 21.09
N GLY B 100 -24.51 -16.75 20.66
CA GLY B 100 -24.39 -17.15 19.27
C GLY B 100 -24.86 -16.06 18.34
N ARG B 101 -25.98 -15.43 18.69
CA ARG B 101 -26.52 -14.37 17.85
C ARG B 101 -25.55 -13.20 17.73
N ALA B 102 -24.96 -12.78 18.86
CA ALA B 102 -24.02 -11.66 18.84
C ALA B 102 -22.85 -11.98 17.94
N LYS B 103 -22.28 -13.18 18.11
CA LYS B 103 -21.15 -13.58 17.25
C LYS B 103 -21.50 -13.66 15.76
N ASP B 104 -22.68 -14.20 15.46
CA ASP B 104 -23.15 -14.35 14.07
C ASP B 104 -23.37 -12.98 13.42
N LEU B 105 -23.98 -12.06 14.15
CA LEU B 105 -24.18 -10.69 13.68
C LEU B 105 -22.83 -9.99 13.43
N GLY B 106 -21.86 -10.27 14.29
CA GLY B 106 -20.54 -9.71 14.11
C GLY B 106 -19.91 -10.19 12.82
N SER B 107 -19.96 -11.52 12.63
CA SER B 107 -19.47 -12.12 11.38
C SER B 107 -20.15 -11.54 10.14
N ALA B 108 -21.47 -11.35 10.21
CA ALA B 108 -22.22 -10.80 9.08
C ALA B 108 -21.70 -9.40 8.75
N ALA B 109 -21.43 -8.60 9.79
CA ALA B 109 -20.85 -7.28 9.60
C ALA B 109 -19.52 -7.37 8.82
N VAL B 110 -18.64 -8.26 9.29
CA VAL B 110 -17.38 -8.49 8.61
C VAL B 110 -17.57 -8.88 7.13
N LEU B 111 -18.54 -9.74 6.87
CA LEU B 111 -18.82 -10.20 5.52
C LEU B 111 -19.25 -9.05 4.62
N ILE B 112 -20.15 -8.20 5.12
CA ILE B 112 -20.61 -7.06 4.34
C ILE B 112 -19.45 -6.10 4.05
N ALA B 113 -18.60 -5.85 5.03
CA ALA B 113 -17.39 -5.07 4.78
C ALA B 113 -16.51 -5.68 3.69
N ILE B 114 -16.30 -7.00 3.73
CA ILE B 114 -15.43 -7.61 2.75
C ILE B 114 -16.03 -7.40 1.36
N ILE B 115 -17.30 -7.76 1.21
CA ILE B 115 -18.01 -7.54 -0.05
C ILE B 115 -17.91 -6.08 -0.52
N ASP B 116 -17.96 -5.14 0.42
CA ASP B 116 -17.84 -3.73 0.08
C ASP B 116 -16.45 -3.44 -0.49
N ALA B 117 -15.43 -4.03 0.10
CA ALA B 117 -14.06 -3.88 -0.38
C ALA B 117 -13.90 -4.45 -1.78
N VAL B 118 -14.51 -5.61 -2.03
CA VAL B 118 -14.38 -6.27 -3.33
C VAL B 118 -15.13 -5.54 -4.46
N ILE B 119 -16.35 -5.11 -4.17
CA ILE B 119 -17.07 -4.25 -5.10
C ILE B 119 -16.27 -2.98 -5.39
N THR B 120 -15.71 -2.38 -4.34
CA THR B 120 -14.97 -1.14 -4.49
C THR B 120 -13.77 -1.33 -5.43
N TRP B 121 -12.92 -2.31 -5.14
CA TRP B 121 -11.77 -2.58 -5.97
C TRP B 121 -12.15 -2.99 -7.41
N ALA B 122 -13.19 -3.79 -7.55
CA ALA B 122 -13.63 -4.24 -8.88
C ALA B 122 -14.08 -3.04 -9.72
N ILE B 123 -14.96 -2.22 -9.15
CA ILE B 123 -15.49 -1.05 -9.85
C ILE B 123 -14.40 -0.05 -10.19
N LEU B 124 -13.52 0.20 -9.23
CA LEU B 124 -12.50 1.21 -9.46
C LEU B 124 -11.37 0.75 -10.40
N LEU B 125 -11.12 -0.55 -10.47
CA LEU B 125 -10.00 -1.07 -11.27
C LEU B 125 -10.41 -1.72 -12.59
N TRP B 126 -11.68 -2.04 -12.77
CA TRP B 126 -12.21 -2.41 -14.07
C TRP B 126 -11.96 -1.23 -14.98
N SER B 127 -12.26 -0.05 -14.43
CA SER B 127 -11.95 1.23 -15.05
C SER B 127 -10.47 1.36 -15.39
N HIS B 128 -9.60 0.88 -14.49
CA HIS B 128 -8.14 0.95 -14.65
C HIS B 128 -7.60 -0.26 -15.41
N PHE B 129 -8.48 -1.06 -15.98
CA PHE B 129 -8.06 -2.33 -16.57
C PHE B 129 -7.18 -2.13 -17.79
N GLY B 130 -7.13 -0.89 -18.28
CA GLY B 130 -6.31 -0.56 -19.43
C GLY B 130 -6.90 -1.09 -20.72
N ALA C 38 -15.83 16.00 29.19
CA ALA C 38 -14.99 16.81 28.32
C ALA C 38 -14.09 15.94 27.44
N ALA C 39 -14.45 14.66 27.34
CA ALA C 39 -13.76 13.72 26.48
C ALA C 39 -14.60 13.40 25.25
N PHE C 40 -15.89 13.71 25.31
CA PHE C 40 -16.77 13.43 24.19
C PHE C 40 -17.12 14.69 23.42
N ARG C 41 -16.90 15.85 24.04
CA ARG C 41 -17.22 17.12 23.42
C ARG C 41 -16.12 17.56 22.46
N GLN C 42 -14.87 17.35 22.87
CA GLN C 42 -13.73 17.73 22.06
C GLN C 42 -13.76 17.05 20.69
N GLU C 43 -14.46 15.92 20.60
CA GLU C 43 -14.62 15.22 19.34
C GLU C 43 -15.64 15.92 18.45
N GLY C 44 -16.71 16.42 19.06
CA GLY C 44 -17.66 17.27 18.34
C GLY C 44 -17.00 18.55 17.86
N VAL C 45 -16.08 19.06 18.67
CA VAL C 45 -15.25 20.19 18.26
C VAL C 45 -14.42 19.81 17.03
N ALA C 46 -13.74 18.66 17.11
CA ALA C 46 -12.96 18.15 16.00
C ALA C 46 -13.78 18.03 14.72
N VAL C 47 -14.96 17.43 14.80
CA VAL C 47 -15.78 17.25 13.61
C VAL C 47 -16.28 18.59 13.06
N LEU C 48 -16.69 19.49 13.94
CA LEU C 48 -17.18 20.80 13.48
C LEU C 48 -16.06 21.53 12.76
N LEU C 49 -14.88 21.53 13.36
CA LEU C 49 -13.70 22.13 12.76
C LEU C 49 -13.41 21.53 11.39
N CYS C 50 -13.32 20.21 11.33
CA CYS C 50 -13.10 19.54 10.06
C CYS C 50 -14.12 19.97 9.00
N VAL C 51 -15.40 19.98 9.39
CA VAL C 51 -16.46 20.36 8.46
C VAL C 51 -16.28 21.79 7.96
N VAL C 52 -15.95 22.69 8.89
CA VAL C 52 -15.65 24.07 8.56
C VAL C 52 -14.50 24.17 7.56
N ILE C 53 -13.43 23.38 7.77
CA ILE C 53 -12.27 23.40 6.89
C ILE C 53 -12.68 22.95 5.50
N ALA C 54 -13.36 21.81 5.44
CA ALA C 54 -13.82 21.21 4.20
C ALA C 54 -14.71 22.14 3.39
N ALA C 55 -15.63 22.82 4.07
CA ALA C 55 -16.46 23.84 3.45
C ALA C 55 -15.59 24.98 2.96
N TRP C 56 -14.64 25.37 3.82
CA TRP C 56 -13.78 26.52 3.56
C TRP C 56 -12.83 26.27 2.39
N LEU C 57 -12.32 25.04 2.31
CA LEU C 57 -11.49 24.64 1.18
C LEU C 57 -12.32 24.63 -0.09
N ASP C 58 -11.70 25.02 -1.20
CA ASP C 58 -12.42 25.12 -2.47
C ASP C 58 -12.31 23.81 -3.27
N VAL C 59 -12.95 22.77 -2.74
CA VAL C 59 -12.91 21.45 -3.34
C VAL C 59 -14.30 21.07 -3.85
N ASP C 60 -14.34 20.18 -4.85
CA ASP C 60 -15.61 19.69 -5.37
C ASP C 60 -16.30 18.70 -4.42
N ALA C 61 -17.56 18.42 -4.70
CA ALA C 61 -18.40 17.57 -3.86
C ALA C 61 -17.82 16.20 -3.47
N VAL C 62 -17.16 15.52 -4.39
CA VAL C 62 -16.64 14.18 -4.09
C VAL C 62 -15.61 14.23 -2.97
N THR C 63 -14.59 15.06 -3.19
CA THR C 63 -13.56 15.34 -2.18
C THR C 63 -14.17 15.71 -0.82
N ARG C 64 -15.17 16.56 -0.83
CA ARG C 64 -15.84 17.00 0.39
C ARG C 64 -16.48 15.80 1.10
N VAL C 65 -17.12 14.95 0.30
CA VAL C 65 -17.76 13.74 0.82
C VAL C 65 -16.73 12.83 1.47
N LEU C 66 -15.57 12.68 0.85
CA LEU C 66 -14.52 11.84 1.44
C LEU C 66 -13.93 12.42 2.73
N LEU C 67 -13.65 13.72 2.71
CA LEU C 67 -13.07 14.40 3.85
C LEU C 67 -13.99 14.26 5.05
N ILE C 68 -15.28 14.54 4.86
CA ILE C 68 -16.24 14.46 5.96
C ILE C 68 -16.56 13.02 6.39
N SER C 69 -16.64 12.11 5.40
CA SER C 69 -16.92 10.71 5.69
C SER C 69 -15.86 10.08 6.57
N SER C 70 -14.58 10.32 6.27
CA SER C 70 -13.48 9.76 7.08
C SER C 70 -13.56 10.15 8.58
N VAL C 71 -13.82 11.43 8.81
CA VAL C 71 -14.06 11.97 10.13
C VAL C 71 -15.28 11.30 10.79
N MET C 72 -16.32 11.10 9.99
CA MET C 72 -17.56 10.55 10.49
C MET C 72 -17.37 9.11 10.95
N LEU C 73 -16.57 8.35 10.18
CA LEU C 73 -16.24 6.96 10.50
C LEU C 73 -15.49 6.94 11.81
N VAL C 74 -14.57 7.87 11.99
CA VAL C 74 -13.89 7.93 13.29
C VAL C 74 -14.91 8.05 14.43
N MET C 75 -15.91 8.92 14.26
CA MET C 75 -16.93 9.06 15.31
C MET C 75 -17.72 7.77 15.56
N ILE C 76 -18.19 7.16 14.48
CA ILE C 76 -18.98 5.93 14.57
C ILE C 76 -18.22 4.82 15.32
N VAL C 77 -16.95 4.67 14.97
CA VAL C 77 -16.10 3.64 15.58
C VAL C 77 -15.83 3.95 17.05
N GLU C 78 -15.62 5.23 17.37
CA GLU C 78 -15.44 5.65 18.76
C GLU C 78 -16.69 5.32 19.59
N LEU C 79 -17.86 5.60 19.03
CA LEU C 79 -19.13 5.31 19.69
C LEU C 79 -19.32 3.81 19.94
N LEU C 80 -18.99 2.98 18.94
CA LEU C 80 -19.06 1.53 19.11
C LEU C 80 -18.05 0.97 20.15
N ASN C 81 -16.81 1.45 20.09
CA ASN C 81 -15.81 1.17 21.11
C ASN C 81 -16.30 1.52 22.52
N SER C 82 -16.89 2.71 22.68
CA SER C 82 -17.46 3.13 23.94
C SER C 82 -18.59 2.21 24.36
N ALA C 83 -19.39 1.75 23.40
CA ALA C 83 -20.42 0.75 23.69
C ALA C 83 -19.82 -0.53 24.28
N ILE C 84 -18.78 -1.07 23.62
CA ILE C 84 -18.12 -2.27 24.11
C ILE C 84 -17.57 -2.04 25.52
N GLU C 85 -16.96 -0.88 25.73
CA GLU C 85 -16.38 -0.56 27.03
C GLU C 85 -17.45 -0.54 28.09
N ALA C 86 -18.60 0.03 27.73
CA ALA C 86 -19.73 0.10 28.65
C ALA C 86 -20.23 -1.29 29.05
N VAL C 87 -20.30 -2.20 28.08
CA VAL C 87 -20.68 -3.57 28.40
C VAL C 87 -19.66 -4.28 29.30
N VAL C 88 -18.38 -4.17 28.93
CA VAL C 88 -17.28 -4.72 29.70
C VAL C 88 -17.34 -4.28 31.15
N ASP C 89 -17.61 -3.00 31.38
CA ASP C 89 -17.76 -2.51 32.74
C ASP C 89 -19.09 -2.91 33.41
N ARG C 90 -20.11 -3.15 32.59
CA ARG C 90 -21.41 -3.65 33.08
C ARG C 90 -21.24 -5.02 33.71
N ILE C 91 -20.43 -5.87 33.09
CA ILE C 91 -20.20 -7.22 33.62
C ILE C 91 -19.52 -7.17 34.99
N GLY C 92 -18.39 -6.46 35.06
CA GLY C 92 -17.70 -6.26 36.32
C GLY C 92 -16.46 -5.42 36.12
N SER C 93 -16.09 -4.64 37.13
CA SER C 93 -14.88 -3.83 37.04
C SER C 93 -13.65 -4.62 37.47
N GLU C 94 -13.86 -5.84 37.94
CA GLU C 94 -12.73 -6.72 38.21
C GLU C 94 -12.05 -7.05 36.89
N TYR C 95 -10.73 -7.17 36.94
CA TYR C 95 -9.98 -7.50 35.74
C TYR C 95 -10.21 -8.95 35.34
N HIS C 96 -10.08 -9.18 34.04
CA HIS C 96 -10.24 -10.48 33.44
C HIS C 96 -9.57 -10.32 32.08
N GLU C 97 -8.83 -11.33 31.64
CA GLU C 97 -8.03 -11.17 30.42
C GLU C 97 -8.88 -10.85 29.18
N LEU C 98 -10.08 -11.42 29.10
CA LEU C 98 -10.96 -11.20 27.96
C LEU C 98 -11.57 -9.79 27.92
N SER C 99 -11.73 -9.18 29.10
CA SER C 99 -12.15 -7.77 29.20
C SER C 99 -11.08 -6.84 28.62
N GLY C 100 -9.84 -7.05 29.05
CA GLY C 100 -8.71 -6.30 28.55
C GLY C 100 -8.57 -6.50 27.05
N ARG C 101 -8.73 -7.74 26.63
CA ARG C 101 -8.70 -8.07 25.21
C ARG C 101 -9.76 -7.30 24.42
N ALA C 102 -10.99 -7.27 24.94
CA ALA C 102 -12.07 -6.52 24.29
C ALA C 102 -11.74 -5.03 24.16
N LYS C 103 -11.36 -4.39 25.27
CA LYS C 103 -10.99 -2.98 25.20
C LYS C 103 -9.81 -2.73 24.24
N ASP C 104 -8.80 -3.59 24.27
CA ASP C 104 -7.66 -3.44 23.36
C ASP C 104 -8.10 -3.51 21.90
N LEU C 105 -8.90 -4.52 21.55
CA LEU C 105 -9.38 -4.63 20.17
C LEU C 105 -10.19 -3.40 19.75
N GLY C 106 -11.07 -2.92 20.63
CA GLY C 106 -11.86 -1.73 20.35
C GLY C 106 -11.00 -0.50 20.07
N SER C 107 -9.98 -0.32 20.90
CA SER C 107 -9.11 0.85 20.81
C SER C 107 -8.31 0.76 19.55
N ALA C 108 -7.99 -0.46 19.14
CA ALA C 108 -7.22 -0.63 17.92
C ALA C 108 -8.08 -0.25 16.71
N ALA C 109 -9.35 -0.66 16.73
CA ALA C 109 -10.30 -0.20 15.71
C ALA C 109 -10.30 1.32 15.59
N VAL C 110 -10.40 1.99 16.73
CA VAL C 110 -10.42 3.46 16.71
C VAL C 110 -9.14 3.97 16.07
N LEU C 111 -8.00 3.43 16.49
CA LEU C 111 -6.70 3.80 15.90
C LEU C 111 -6.65 3.64 14.36
N ILE C 112 -7.18 2.53 13.86
CA ILE C 112 -7.14 2.28 12.41
C ILE C 112 -8.00 3.34 11.72
N ALA C 113 -9.18 3.60 12.25
CA ALA C 113 -10.03 4.68 11.69
C ALA C 113 -9.32 6.04 11.69
N ILE C 114 -8.56 6.32 12.74
CA ILE C 114 -7.86 7.58 12.79
C ILE C 114 -6.80 7.64 11.70
N ILE C 115 -6.00 6.58 11.57
CA ILE C 115 -4.98 6.49 10.55
C ILE C 115 -5.57 6.66 9.15
N ASP C 116 -6.69 6.00 8.92
CA ASP C 116 -7.41 6.10 7.65
C ASP C 116 -7.86 7.53 7.38
N ALA C 117 -8.25 8.25 8.43
CA ALA C 117 -8.67 9.64 8.28
C ALA C 117 -7.46 10.49 7.87
N VAL C 118 -6.34 10.28 8.55
CA VAL C 118 -5.15 11.08 8.25
C VAL C 118 -4.68 10.83 6.82
N ILE C 119 -4.73 9.56 6.39
CA ILE C 119 -4.31 9.19 5.05
C ILE C 119 -5.21 9.87 4.03
N THR C 120 -6.52 9.82 4.27
CA THR C 120 -7.47 10.51 3.39
C THR C 120 -7.21 12.01 3.28
N TRP C 121 -7.00 12.68 4.41
CA TRP C 121 -6.78 14.12 4.37
C TRP C 121 -5.47 14.49 3.65
N ALA C 122 -4.36 13.86 4.05
CA ALA C 122 -3.09 14.06 3.35
C ALA C 122 -3.24 13.85 1.85
N ILE C 123 -3.89 12.76 1.45
CA ILE C 123 -3.96 12.49 0.02
C ILE C 123 -4.78 13.54 -0.72
N LEU C 124 -6.02 13.77 -0.28
CA LEU C 124 -6.90 14.74 -0.95
C LEU C 124 -6.34 16.15 -0.98
N LEU C 125 -5.74 16.59 0.12
CA LEU C 125 -5.18 17.93 0.21
C LEU C 125 -3.88 18.08 -0.62
N TRP C 126 -3.04 17.04 -0.64
CA TRP C 126 -1.88 17.04 -1.52
C TRP C 126 -2.36 17.19 -2.95
N SER C 127 -3.44 16.48 -3.29
CA SER C 127 -3.96 16.55 -4.64
C SER C 127 -4.51 17.94 -4.97
N HIS C 128 -5.22 18.53 -4.01
CA HIS C 128 -5.86 19.82 -4.20
C HIS C 128 -4.82 20.92 -4.38
N PHE C 129 -3.72 20.81 -3.65
CA PHE C 129 -2.70 21.84 -3.62
C PHE C 129 -1.55 21.53 -4.57
N GLY C 130 -1.67 20.42 -5.29
CA GLY C 130 -0.65 20.00 -6.22
C GLY C 130 -0.76 20.78 -7.52
N ALA D 23 31.33 17.79 -12.83
CA ALA D 23 30.52 16.72 -12.22
C ALA D 23 29.18 17.22 -11.68
N GLY D 24 28.33 16.29 -11.26
CA GLY D 24 27.02 16.62 -10.74
C GLY D 24 26.94 16.77 -9.22
N TYR D 25 25.88 17.43 -8.75
CA TYR D 25 25.69 17.63 -7.33
C TYR D 25 24.49 16.82 -6.90
N SER D 26 24.74 15.88 -6.00
CA SER D 26 23.79 14.83 -5.65
C SER D 26 22.57 15.36 -4.91
N TRP D 27 22.79 16.16 -3.88
CA TRP D 27 21.70 16.65 -3.05
C TRP D 27 20.84 17.66 -3.80
N LYS D 28 21.51 18.56 -4.49
CA LYS D 28 20.85 19.48 -5.43
C LYS D 28 20.01 18.67 -6.44
N GLY D 29 20.54 17.50 -6.84
CA GLY D 29 19.83 16.61 -7.73
C GLY D 29 18.56 16.05 -7.09
N LEU D 30 18.65 15.58 -5.85
CA LEU D 30 17.51 15.00 -5.14
C LEU D 30 16.40 16.04 -4.99
N ARG D 31 16.79 17.23 -4.52
CA ARG D 31 15.87 18.33 -4.34
C ARG D 31 15.22 18.67 -5.67
N ALA D 32 16.03 18.83 -6.73
CA ALA D 32 15.49 19.15 -8.05
C ALA D 32 14.46 18.12 -8.54
N ALA D 33 14.75 16.84 -8.34
CA ALA D 33 13.83 15.77 -8.74
C ALA D 33 12.52 15.90 -7.97
N TRP D 34 12.65 16.19 -6.69
CA TRP D 34 11.48 16.33 -5.83
C TRP D 34 10.61 17.51 -6.22
N ILE D 35 11.25 18.64 -6.53
CA ILE D 35 10.54 19.87 -6.85
C ILE D 35 9.90 19.79 -8.23
N ASN D 36 10.55 19.10 -9.16
CA ASN D 36 10.11 19.21 -10.55
C ASN D 36 9.35 18.01 -11.11
N GLU D 37 9.39 16.86 -10.42
CA GLU D 37 8.71 15.68 -10.91
C GLU D 37 7.66 15.14 -9.93
N ALA D 38 6.42 15.58 -10.09
CA ALA D 38 5.27 15.06 -9.35
C ALA D 38 5.29 13.52 -9.18
N ALA D 39 5.60 12.80 -10.26
CA ALA D 39 5.66 11.33 -10.16
C ALA D 39 6.74 10.88 -9.17
N PHE D 40 7.82 11.65 -9.08
CA PHE D 40 8.88 11.35 -8.13
C PHE D 40 8.39 11.57 -6.71
N ARG D 41 7.50 12.53 -6.52
CA ARG D 41 6.93 12.79 -5.21
C ARG D 41 5.94 11.69 -4.80
N GLN D 42 5.02 11.34 -5.68
CA GLN D 42 4.11 10.23 -5.40
C GLN D 42 4.88 8.95 -5.05
N GLU D 43 5.82 8.58 -5.91
CA GLU D 43 6.64 7.39 -5.64
C GLU D 43 7.48 7.53 -4.37
N GLY D 44 7.98 8.73 -4.12
CA GLY D 44 8.79 8.98 -2.94
C GLY D 44 8.02 8.71 -1.67
N VAL D 45 6.75 9.13 -1.67
CA VAL D 45 5.88 8.97 -0.51
C VAL D 45 5.50 7.50 -0.31
N ALA D 46 5.18 6.84 -1.42
CA ALA D 46 5.02 5.39 -1.38
C ALA D 46 6.22 4.74 -0.71
N VAL D 47 7.42 5.18 -1.10
CA VAL D 47 8.66 4.58 -0.60
C VAL D 47 8.83 4.81 0.90
N LEU D 48 8.58 6.03 1.33
CA LEU D 48 8.76 6.34 2.75
C LEU D 48 7.78 5.50 3.56
N LEU D 49 6.55 5.40 3.08
CA LEU D 49 5.52 4.62 3.76
C LEU D 49 5.97 3.17 3.92
N CYS D 50 6.52 2.62 2.83
CA CYS D 50 6.98 1.24 2.87
C CYS D 50 8.14 1.05 3.81
N VAL D 51 9.08 2.00 3.85
CA VAL D 51 10.23 1.87 4.73
C VAL D 51 9.76 1.89 6.20
N VAL D 52 8.75 2.72 6.46
CA VAL D 52 8.16 2.82 7.78
C VAL D 52 7.51 1.49 8.21
N ILE D 53 6.80 0.87 7.27
CA ILE D 53 6.17 -0.41 7.54
C ILE D 53 7.22 -1.52 7.77
N ALA D 54 8.24 -1.54 6.91
CA ALA D 54 9.39 -2.47 7.04
C ALA D 54 10.09 -2.37 8.39
N ALA D 55 10.24 -1.15 8.90
CA ALA D 55 10.86 -0.96 10.22
C ALA D 55 9.89 -1.36 11.31
N TRP D 56 8.60 -1.19 11.07
CA TRP D 56 7.59 -1.60 12.06
C TRP D 56 7.44 -3.13 12.16
N LEU D 57 7.34 -3.81 11.03
CA LEU D 57 7.07 -5.26 10.99
C LEU D 57 8.02 -6.13 11.83
N ASP D 58 7.48 -7.20 12.39
CA ASP D 58 8.32 -8.14 13.11
C ASP D 58 8.93 -9.16 12.13
N VAL D 59 9.95 -8.71 11.41
CA VAL D 59 10.65 -9.54 10.44
C VAL D 59 12.13 -9.56 10.80
N ASP D 60 12.82 -10.62 10.38
CA ASP D 60 14.27 -10.71 10.55
C ASP D 60 15.01 -9.70 9.67
N ALA D 61 16.30 -9.53 9.94
CA ALA D 61 17.12 -8.53 9.25
C ALA D 61 17.08 -8.62 7.72
N VAL D 62 17.33 -9.83 7.20
CA VAL D 62 17.32 -10.13 5.77
C VAL D 62 16.04 -9.70 5.04
N THR D 63 14.89 -10.15 5.54
CA THR D 63 13.60 -9.75 4.98
C THR D 63 13.45 -8.22 5.01
N ARG D 64 13.78 -7.61 6.13
CA ARG D 64 13.72 -6.17 6.25
C ARG D 64 14.52 -5.51 5.12
N VAL D 65 15.74 -6.01 4.91
CA VAL D 65 16.66 -5.50 3.91
C VAL D 65 16.05 -5.59 2.51
N LEU D 66 15.41 -6.71 2.22
CA LEU D 66 14.76 -6.85 0.92
C LEU D 66 13.59 -5.88 0.74
N LEU D 67 12.72 -5.81 1.73
CA LEU D 67 11.60 -4.86 1.73
C LEU D 67 12.04 -3.42 1.51
N ILE D 68 13.20 -3.04 2.04
CA ILE D 68 13.68 -1.66 1.88
C ILE D 68 14.39 -1.45 0.53
N SER D 69 15.17 -2.44 0.10
CA SER D 69 15.92 -2.34 -1.15
C SER D 69 15.01 -2.27 -2.36
N SER D 70 14.05 -3.19 -2.43
CA SER D 70 13.13 -3.28 -3.55
C SER D 70 12.44 -1.93 -3.80
N VAL D 71 12.15 -1.17 -2.76
CA VAL D 71 11.49 0.13 -2.95
C VAL D 71 12.50 1.26 -3.19
N MET D 72 13.69 1.13 -2.61
CA MET D 72 14.77 2.08 -2.91
C MET D 72 15.11 2.04 -4.41
N LEU D 73 15.01 0.83 -4.98
CA LEU D 73 15.35 0.61 -6.38
C LEU D 73 14.45 1.51 -7.23
N VAL D 74 13.21 1.68 -6.79
CA VAL D 74 12.29 2.54 -7.50
C VAL D 74 12.84 3.94 -7.63
N MET D 75 13.35 4.49 -6.53
CA MET D 75 13.89 5.86 -6.55
C MET D 75 15.11 5.96 -7.41
N ILE D 76 15.98 4.95 -7.33
CA ILE D 76 17.19 4.97 -8.13
C ILE D 76 16.84 5.05 -9.63
N VAL D 77 15.97 4.13 -10.06
CA VAL D 77 15.55 4.08 -11.46
C VAL D 77 14.79 5.34 -11.90
N GLU D 78 13.94 5.87 -11.01
CA GLU D 78 13.19 7.07 -11.35
C GLU D 78 14.16 8.23 -11.55
N LEU D 79 15.22 8.25 -10.76
CA LEU D 79 16.21 9.31 -10.93
C LEU D 79 16.90 9.20 -12.29
N LEU D 80 17.36 8.00 -12.66
CA LEU D 80 18.03 7.88 -13.96
C LEU D 80 17.09 8.20 -15.13
N ASN D 81 15.84 7.80 -14.97
CA ASN D 81 14.84 8.02 -15.99
C ASN D 81 14.66 9.52 -16.19
N SER D 82 14.52 10.23 -15.07
CA SER D 82 14.45 11.67 -15.09
C SER D 82 15.70 12.34 -15.71
N ALA D 83 16.88 11.73 -15.56
CA ALA D 83 18.08 12.30 -16.17
C ALA D 83 17.97 12.20 -17.68
N ILE D 84 17.49 11.05 -18.14
CA ILE D 84 17.30 10.82 -19.58
C ILE D 84 16.28 11.82 -20.17
N GLU D 85 15.16 11.97 -19.46
CA GLU D 85 14.12 12.94 -19.81
C GLU D 85 14.74 14.35 -19.92
N ALA D 86 15.66 14.68 -19.00
CA ALA D 86 16.28 16.01 -19.02
C ALA D 86 17.17 16.21 -20.24
N VAL D 87 18.01 15.23 -20.55
CA VAL D 87 18.88 15.40 -21.71
C VAL D 87 18.04 15.61 -22.96
N VAL D 88 17.17 14.64 -23.23
CA VAL D 88 16.32 14.71 -24.40
C VAL D 88 15.51 16.02 -24.49
N ASP D 89 14.92 16.44 -23.38
CA ASP D 89 14.05 17.63 -23.38
C ASP D 89 14.79 18.97 -23.47
N ARG D 90 16.05 18.98 -23.02
CA ARG D 90 16.89 20.16 -23.15
C ARG D 90 17.07 20.60 -24.60
N ILE D 91 16.96 19.65 -25.53
CA ILE D 91 17.12 19.99 -26.94
C ILE D 91 15.94 20.82 -27.45
N GLY D 92 14.72 20.46 -27.07
CA GLY D 92 13.54 21.19 -27.47
C GLY D 92 12.25 20.49 -27.07
N SER D 93 11.13 21.18 -27.25
CA SER D 93 9.83 20.62 -26.90
C SER D 93 9.28 19.79 -28.05
N GLU D 94 9.74 20.09 -29.26
CA GLU D 94 9.33 19.40 -30.48
C GLU D 94 9.50 17.89 -30.36
N TYR D 95 8.40 17.18 -30.53
CA TYR D 95 8.41 15.72 -30.49
C TYR D 95 9.27 15.12 -31.60
N HIS D 96 10.00 14.07 -31.25
CA HIS D 96 10.87 13.35 -32.17
C HIS D 96 10.75 11.87 -31.78
N GLU D 97 10.78 10.99 -32.77
CA GLU D 97 10.66 9.55 -32.56
C GLU D 97 11.61 9.05 -31.47
N LEU D 98 12.88 9.43 -31.55
CA LEU D 98 13.90 8.91 -30.64
C LEU D 98 13.77 9.43 -29.21
N SER D 99 13.24 10.64 -29.07
CA SER D 99 12.92 11.19 -27.75
C SER D 99 11.82 10.37 -27.09
N GLY D 100 10.75 10.15 -27.86
CA GLY D 100 9.63 9.37 -27.41
C GLY D 100 10.12 7.99 -26.99
N ARG D 101 10.98 7.41 -27.81
CA ARG D 101 11.53 6.09 -27.52
C ARG D 101 12.31 6.09 -26.20
N ALA D 102 13.21 7.05 -26.04
CA ALA D 102 14.05 7.12 -24.85
C ALA D 102 13.22 7.26 -23.57
N LYS D 103 12.19 8.10 -23.65
CA LYS D 103 11.37 8.34 -22.47
C LYS D 103 10.44 7.16 -22.17
N ASP D 104 9.97 6.47 -23.21
CA ASP D 104 9.23 5.21 -23.01
C ASP D 104 10.08 4.11 -22.35
N LEU D 105 11.32 3.94 -22.80
CA LEU D 105 12.19 2.92 -22.23
C LEU D 105 12.54 3.23 -20.77
N GLY D 106 12.88 4.48 -20.48
CA GLY D 106 13.01 4.88 -19.08
C GLY D 106 11.77 4.57 -18.24
N SER D 107 10.58 4.97 -18.73
CA SER D 107 9.31 4.70 -18.05
C SER D 107 9.07 3.22 -17.78
N ALA D 108 9.29 2.39 -18.79
CA ALA D 108 9.13 0.95 -18.67
C ALA D 108 10.07 0.42 -17.58
N ALA D 109 11.28 0.98 -17.51
CA ALA D 109 12.22 0.58 -16.46
C ALA D 109 11.63 0.86 -15.08
N VAL D 110 11.08 2.06 -14.91
CA VAL D 110 10.49 2.42 -13.61
C VAL D 110 9.37 1.45 -13.26
N LEU D 111 8.53 1.17 -14.26
CA LEU D 111 7.39 0.30 -14.06
C LEU D 111 7.82 -1.11 -13.60
N ILE D 112 8.85 -1.66 -14.24
CA ILE D 112 9.36 -2.98 -13.84
C ILE D 112 9.89 -2.93 -12.39
N ALA D 113 10.63 -1.87 -12.05
CA ALA D 113 11.08 -1.72 -10.67
C ALA D 113 9.90 -1.75 -9.66
N ILE D 114 8.84 -0.97 -9.92
CA ILE D 114 7.69 -0.94 -9.02
C ILE D 114 7.07 -2.33 -8.88
N ILE D 115 6.71 -2.94 -10.01
CA ILE D 115 6.14 -4.29 -10.05
C ILE D 115 6.99 -5.28 -9.25
N ASP D 116 8.30 -5.11 -9.32
CA ASP D 116 9.25 -5.96 -8.61
C ASP D 116 9.13 -5.73 -7.09
N ALA D 117 8.98 -4.47 -6.71
CA ALA D 117 8.78 -4.08 -5.32
C ALA D 117 7.52 -4.74 -4.77
N VAL D 118 6.42 -4.61 -5.50
CA VAL D 118 5.14 -5.17 -5.10
C VAL D 118 5.17 -6.71 -5.00
N ILE D 119 5.83 -7.36 -5.95
CA ILE D 119 5.97 -8.82 -5.92
C ILE D 119 6.81 -9.27 -4.71
N THR D 120 7.94 -8.63 -4.49
CA THR D 120 8.79 -8.90 -3.33
C THR D 120 7.95 -8.81 -2.04
N TRP D 121 7.18 -7.72 -1.92
CA TRP D 121 6.33 -7.51 -0.75
C TRP D 121 5.29 -8.63 -0.58
N ALA D 122 4.66 -9.02 -1.68
CA ALA D 122 3.65 -10.08 -1.64
C ALA D 122 4.28 -11.36 -1.17
N ILE D 123 5.33 -11.81 -1.87
CA ILE D 123 5.96 -13.08 -1.51
C ILE D 123 6.40 -13.09 -0.05
N LEU D 124 7.10 -12.05 0.37
CA LEU D 124 7.75 -12.05 1.68
C LEU D 124 6.76 -11.96 2.83
N LEU D 125 5.80 -11.03 2.71
CA LEU D 125 4.80 -10.86 3.76
C LEU D 125 3.80 -12.01 3.78
N TRP D 126 3.40 -12.48 2.60
CA TRP D 126 2.48 -13.61 2.54
C TRP D 126 3.14 -14.88 3.09
N SER D 127 4.43 -15.04 2.83
CA SER D 127 5.15 -16.20 3.36
C SER D 127 5.33 -16.10 4.87
N HIS D 128 5.65 -14.89 5.35
CA HIS D 128 5.96 -14.69 6.75
C HIS D 128 4.71 -14.57 7.63
N PHE D 129 3.56 -14.28 7.02
CA PHE D 129 2.33 -14.00 7.79
C PHE D 129 1.09 -14.71 7.27
N GLY D 130 1.07 -15.07 6.00
CA GLY D 130 -0.10 -15.70 5.41
C GLY D 130 -0.33 -17.08 5.99
N GLY E 44 35.80 1.49 -7.90
CA GLY E 44 36.18 0.35 -8.71
C GLY E 44 37.03 -0.64 -7.94
N VAL E 45 38.00 -0.13 -7.18
CA VAL E 45 38.85 -0.97 -6.36
C VAL E 45 38.14 -1.30 -5.05
N ALA E 46 37.39 -0.33 -4.55
CA ALA E 46 36.71 -0.45 -3.28
C ALA E 46 35.60 -1.50 -3.35
N VAL E 47 34.92 -1.58 -4.49
CA VAL E 47 33.84 -2.53 -4.64
C VAL E 47 34.35 -3.97 -4.72
N LEU E 48 35.47 -4.16 -5.41
CA LEU E 48 36.11 -5.48 -5.49
C LEU E 48 36.57 -5.89 -4.09
N LEU E 49 37.16 -4.93 -3.38
CA LEU E 49 37.51 -5.10 -1.99
C LEU E 49 36.30 -5.62 -1.20
N CYS E 50 35.20 -4.89 -1.29
CA CYS E 50 33.96 -5.23 -0.60
C CYS E 50 33.47 -6.63 -0.94
N VAL E 51 33.59 -7.01 -2.20
CA VAL E 51 33.18 -8.33 -2.65
C VAL E 51 34.00 -9.42 -1.96
N VAL E 52 35.33 -9.31 -2.04
CA VAL E 52 36.20 -10.27 -1.38
C VAL E 52 35.89 -10.35 0.12
N ILE E 53 35.72 -9.19 0.74
CA ILE E 53 35.36 -9.10 2.16
C ILE E 53 34.09 -9.89 2.46
N ALA E 54 33.09 -9.74 1.58
CA ALA E 54 31.83 -10.46 1.71
C ALA E 54 32.05 -11.96 1.60
N ALA E 55 32.98 -12.35 0.73
CA ALA E 55 33.32 -13.77 0.55
C ALA E 55 34.03 -14.34 1.78
N TRP E 56 34.70 -13.48 2.54
CA TRP E 56 35.49 -13.94 3.68
C TRP E 56 34.67 -14.43 4.89
N LEU E 57 33.78 -13.57 5.38
CA LEU E 57 33.06 -13.82 6.63
C LEU E 57 32.16 -15.06 6.59
N ASP E 58 32.26 -15.89 7.63
CA ASP E 58 31.39 -17.06 7.73
C ASP E 58 29.94 -16.62 7.91
N VAL E 59 29.17 -16.76 6.84
CA VAL E 59 27.90 -16.06 6.67
C VAL E 59 27.01 -16.89 5.74
N ASP E 60 25.70 -16.88 5.96
CA ASP E 60 24.77 -17.57 5.07
C ASP E 60 24.98 -17.20 3.59
N ALA E 61 24.37 -17.96 2.69
CA ALA E 61 24.45 -17.63 1.27
C ALA E 61 23.67 -16.33 0.96
N VAL E 62 22.44 -16.24 1.49
CA VAL E 62 21.58 -15.09 1.20
C VAL E 62 22.21 -13.78 1.67
N THR E 63 22.82 -13.80 2.85
CA THR E 63 23.43 -12.61 3.40
C THR E 63 24.59 -12.17 2.52
N ARG E 64 25.40 -13.14 2.09
CA ARG E 64 26.51 -12.88 1.16
C ARG E 64 26.03 -12.23 -0.13
N VAL E 65 24.97 -12.80 -0.69
CA VAL E 65 24.37 -12.32 -1.91
C VAL E 65 23.94 -10.86 -1.74
N LEU E 66 23.32 -10.57 -0.60
CA LEU E 66 22.87 -9.21 -0.31
C LEU E 66 24.02 -8.20 -0.21
N LEU E 67 25.02 -8.56 0.60
CA LEU E 67 26.24 -7.77 0.76
C LEU E 67 26.94 -7.47 -0.57
N ILE E 68 26.97 -8.47 -1.45
CA ILE E 68 27.59 -8.29 -2.78
C ILE E 68 26.71 -7.45 -3.71
N SER E 69 25.41 -7.72 -3.70
CA SER E 69 24.44 -7.07 -4.55
C SER E 69 24.32 -5.57 -4.33
N SER E 70 24.39 -5.15 -3.07
CA SER E 70 24.22 -3.72 -2.79
C SER E 70 25.33 -2.90 -3.48
N VAL E 71 26.56 -3.38 -3.36
CA VAL E 71 27.74 -2.75 -3.94
C VAL E 71 27.82 -2.91 -5.47
N MET E 72 27.34 -4.04 -5.97
CA MET E 72 27.26 -4.21 -7.43
C MET E 72 26.25 -3.23 -8.02
N LEU E 73 25.15 -3.03 -7.31
CA LEU E 73 24.16 -2.05 -7.71
C LEU E 73 24.80 -0.67 -7.78
N VAL E 74 25.62 -0.36 -6.78
CA VAL E 74 26.40 0.88 -6.82
C VAL E 74 27.25 0.99 -8.10
N MET E 75 27.90 -0.10 -8.50
CA MET E 75 28.70 -0.07 -9.74
C MET E 75 27.84 0.19 -10.97
N ILE E 76 26.73 -0.54 -11.07
CA ILE E 76 25.82 -0.38 -12.20
C ILE E 76 25.34 1.06 -12.34
N VAL E 77 24.89 1.63 -11.24
CA VAL E 77 24.35 2.98 -11.26
C VAL E 77 25.44 4.00 -11.54
N GLU E 78 26.65 3.76 -11.05
CA GLU E 78 27.78 4.60 -11.46
C GLU E 78 28.07 4.55 -12.97
N LEU E 79 27.94 3.37 -13.58
CA LEU E 79 28.17 3.27 -15.02
C LEU E 79 27.07 3.95 -15.85
N LEU E 80 25.81 3.75 -15.46
CA LEU E 80 24.72 4.45 -16.12
C LEU E 80 24.88 5.98 -16.01
N ASN E 81 25.23 6.44 -14.80
CA ASN E 81 25.49 7.85 -14.58
C ASN E 81 26.63 8.35 -15.50
N SER E 82 27.74 7.63 -15.51
CA SER E 82 28.88 7.98 -16.38
C SER E 82 28.48 8.08 -17.85
N ALA E 83 27.57 7.21 -18.27
CA ALA E 83 27.03 7.23 -19.62
C ALA E 83 26.30 8.56 -19.90
N ILE E 84 25.42 8.94 -18.98
CA ILE E 84 24.71 10.22 -19.12
C ILE E 84 25.69 11.40 -19.19
N GLU E 85 26.75 11.34 -18.38
CA GLU E 85 27.75 12.38 -18.41
C GLU E 85 28.45 12.44 -19.76
N ALA E 86 28.61 11.27 -20.38
CA ALA E 86 29.37 11.17 -21.62
C ALA E 86 28.56 11.79 -22.75
N VAL E 87 27.24 11.68 -22.63
CA VAL E 87 26.37 12.43 -23.55
C VAL E 87 26.39 13.95 -23.26
N VAL E 88 26.16 14.32 -22.00
CA VAL E 88 26.00 15.73 -21.65
C VAL E 88 27.28 16.53 -21.88
N ASP E 89 28.42 15.97 -21.48
CA ASP E 89 29.70 16.63 -21.63
C ASP E 89 30.52 16.15 -22.84
N ARG E 90 29.85 15.67 -23.87
CA ARG E 90 30.53 15.25 -25.09
C ARG E 90 31.27 16.42 -25.74
N ILE E 91 32.25 16.11 -26.58
CA ILE E 91 32.92 17.10 -27.41
C ILE E 91 31.90 17.89 -28.24
N GLY E 92 31.93 19.22 -28.11
CA GLY E 92 31.03 20.09 -28.84
C GLY E 92 29.78 20.49 -28.08
N SER E 93 29.66 20.08 -26.82
CA SER E 93 28.47 20.43 -26.03
C SER E 93 28.46 21.89 -25.60
N GLU E 94 29.61 22.56 -25.68
CA GLU E 94 29.71 23.98 -25.36
C GLU E 94 29.00 24.90 -26.37
N TYR E 95 28.49 24.33 -27.46
CA TYR E 95 27.85 25.12 -28.49
C TYR E 95 26.32 25.04 -28.43
N HIS E 96 25.81 24.33 -27.44
CA HIS E 96 24.37 24.14 -27.35
C HIS E 96 23.89 24.29 -25.93
N GLU E 97 22.58 24.20 -25.76
CA GLU E 97 21.97 24.24 -24.46
C GLU E 97 22.39 23.00 -23.69
N LEU E 98 23.00 23.20 -22.54
CA LEU E 98 23.51 22.09 -21.74
C LEU E 98 22.61 21.85 -20.52
N SER E 99 22.50 20.58 -20.11
CA SER E 99 21.62 20.18 -19.02
C SER E 99 22.39 19.68 -17.81
N GLY E 100 22.84 20.61 -16.97
CA GLY E 100 23.50 20.26 -15.71
C GLY E 100 22.58 19.51 -14.77
N ARG E 101 21.27 19.74 -14.96
CA ARG E 101 20.21 19.01 -14.29
C ARG E 101 20.30 17.48 -14.50
N ALA E 102 20.52 17.07 -15.74
CA ALA E 102 20.75 15.66 -16.05
C ALA E 102 21.85 15.02 -15.16
N LYS E 103 22.99 15.71 -15.09
CA LYS E 103 24.13 15.22 -14.33
C LYS E 103 23.84 15.16 -12.83
N ASP E 104 23.12 16.18 -12.34
CA ASP E 104 22.72 16.21 -10.94
C ASP E 104 21.80 15.03 -10.62
N LEU E 105 20.84 14.73 -11.50
CA LEU E 105 19.93 13.61 -11.26
C LEU E 105 20.65 12.24 -11.28
N GLY E 106 21.57 12.07 -12.22
CA GLY E 106 22.40 10.88 -12.21
C GLY E 106 23.19 10.72 -10.91
N SER E 107 23.84 11.80 -10.49
CA SER E 107 24.56 11.83 -9.21
C SER E 107 23.66 11.47 -8.01
N ALA E 108 22.42 11.93 -8.04
CA ALA E 108 21.49 11.61 -6.97
C ALA E 108 21.23 10.11 -6.97
N ALA E 109 21.06 9.53 -8.15
CA ALA E 109 20.85 8.08 -8.29
C ALA E 109 22.01 7.28 -7.72
N VAL E 110 23.24 7.75 -7.98
CA VAL E 110 24.40 7.11 -7.34
C VAL E 110 24.32 7.21 -5.82
N LEU E 111 24.08 8.43 -5.32
CA LEU E 111 23.98 8.70 -3.88
C LEU E 111 22.99 7.76 -3.21
N ILE E 112 21.80 7.60 -3.77
CA ILE E 112 20.79 6.68 -3.22
C ILE E 112 21.23 5.21 -3.29
N ALA E 113 21.91 4.82 -4.37
CA ALA E 113 22.42 3.45 -4.44
C ALA E 113 23.39 3.17 -3.27
N ILE E 114 24.28 4.13 -3.04
CA ILE E 114 25.25 4.06 -1.93
C ILE E 114 24.60 4.07 -0.53
N ILE E 115 23.72 5.03 -0.27
CA ILE E 115 23.01 5.08 1.01
C ILE E 115 22.30 3.76 1.27
N ASP E 116 21.61 3.26 0.26
CA ASP E 116 20.95 1.97 0.36
C ASP E 116 21.97 0.84 0.69
N ALA E 117 23.14 0.90 0.08
CA ALA E 117 24.20 -0.08 0.37
C ALA E 117 24.64 -0.06 1.84
N VAL E 118 24.93 1.14 2.33
CA VAL E 118 25.27 1.36 3.74
C VAL E 118 24.17 0.87 4.68
N ILE E 119 22.92 1.11 4.32
CA ILE E 119 21.79 0.70 5.15
C ILE E 119 21.73 -0.82 5.23
N THR E 120 21.92 -1.47 4.07
CA THR E 120 21.97 -2.93 3.99
C THR E 120 23.08 -3.51 4.87
N TRP E 121 24.28 -2.99 4.74
CA TRP E 121 25.42 -3.50 5.52
C TRP E 121 25.25 -3.24 7.00
N ALA E 122 24.75 -2.08 7.37
CA ALA E 122 24.49 -1.80 8.78
C ALA E 122 23.50 -2.80 9.36
N ILE E 123 22.37 -2.97 8.67
CA ILE E 123 21.33 -3.87 9.18
C ILE E 123 21.84 -5.31 9.33
N LEU E 124 22.47 -5.82 8.28
CA LEU E 124 22.98 -7.18 8.32
C LEU E 124 24.09 -7.37 9.37
N LEU E 125 25.10 -6.50 9.35
CA LEU E 125 26.21 -6.62 10.32
C LEU E 125 25.77 -6.39 11.76
N TRP E 126 24.66 -5.68 11.94
CA TRP E 126 24.07 -5.52 13.25
C TRP E 126 23.43 -6.83 13.66
N SER E 127 22.73 -7.46 12.71
CA SER E 127 22.16 -8.78 12.93
C SER E 127 23.25 -9.81 13.25
N HIS E 128 24.47 -9.54 12.80
CA HIS E 128 25.60 -10.44 13.05
C HIS E 128 26.14 -10.25 14.46
N PHE E 129 26.41 -8.99 14.84
CA PHE E 129 26.89 -8.69 16.19
C PHE E 129 26.83 -7.21 16.54
N ALA F 38 11.88 -5.69 -30.95
CA ALA F 38 12.04 -6.98 -31.58
C ALA F 38 12.81 -7.95 -30.68
N ALA F 39 13.97 -7.51 -30.21
CA ALA F 39 14.74 -8.29 -29.24
C ALA F 39 14.08 -8.18 -27.87
N PHE F 40 13.13 -7.26 -27.75
CA PHE F 40 12.25 -7.17 -26.58
C PHE F 40 11.67 -8.55 -26.34
N ARG F 41 11.25 -9.18 -27.43
CA ARG F 41 10.70 -10.53 -27.40
C ARG F 41 11.64 -11.51 -26.73
N GLN F 42 12.81 -11.72 -27.33
CA GLN F 42 13.81 -12.66 -26.81
C GLN F 42 14.17 -12.39 -25.34
N GLU F 43 14.48 -11.15 -25.02
CA GLU F 43 14.91 -10.80 -23.66
C GLU F 43 13.80 -11.03 -22.63
N GLY F 44 12.61 -10.49 -22.91
CA GLY F 44 11.47 -10.69 -22.03
C GLY F 44 11.14 -12.16 -21.85
N VAL F 45 11.30 -12.93 -22.94
CA VAL F 45 11.12 -14.38 -22.91
C VAL F 45 12.06 -15.02 -21.91
N ALA F 46 13.35 -14.70 -22.02
CA ALA F 46 14.35 -15.25 -21.12
C ALA F 46 14.05 -14.91 -19.66
N VAL F 47 13.79 -13.64 -19.41
CA VAL F 47 13.49 -13.16 -18.06
C VAL F 47 12.26 -13.85 -17.44
N LEU F 48 11.14 -13.84 -18.16
CA LEU F 48 9.93 -14.47 -17.66
C LEU F 48 10.14 -15.98 -17.46
N LEU F 49 10.94 -16.59 -18.33
CA LEU F 49 11.28 -18.01 -18.18
C LEU F 49 12.00 -18.27 -16.85
N CYS F 50 13.05 -17.49 -16.58
CA CYS F 50 13.80 -17.62 -15.33
C CYS F 50 12.91 -17.41 -14.11
N VAL F 51 12.09 -16.35 -14.17
CA VAL F 51 11.14 -16.06 -13.09
C VAL F 51 10.25 -17.28 -12.85
N VAL F 52 9.71 -17.84 -13.92
CA VAL F 52 8.89 -19.04 -13.87
C VAL F 52 9.60 -20.22 -13.20
N ILE F 53 10.88 -20.43 -13.53
CA ILE F 53 11.68 -21.43 -12.83
C ILE F 53 11.73 -21.15 -11.32
N ALA F 54 12.06 -19.91 -10.98
CA ALA F 54 12.20 -19.49 -9.58
C ALA F 54 10.92 -19.68 -8.77
N ALA F 55 9.77 -19.39 -9.39
CA ALA F 55 8.47 -19.63 -8.77
C ALA F 55 8.18 -21.12 -8.67
N TRP F 56 8.63 -21.89 -9.66
CA TRP F 56 8.40 -23.34 -9.66
C TRP F 56 9.40 -24.06 -8.75
N LEU F 57 10.60 -23.50 -8.64
CA LEU F 57 11.63 -24.09 -7.80
C LEU F 57 11.22 -24.10 -6.33
N ASP F 58 11.57 -25.18 -5.64
CA ASP F 58 11.24 -25.30 -4.23
C ASP F 58 12.36 -24.77 -3.35
N VAL F 59 12.23 -23.51 -2.95
CA VAL F 59 13.17 -22.87 -2.04
C VAL F 59 12.37 -21.99 -1.09
N ASP F 60 13.04 -21.37 -0.14
CA ASP F 60 12.36 -20.46 0.78
C ASP F 60 12.07 -19.10 0.09
N ALA F 61 11.23 -18.31 0.73
CA ALA F 61 10.75 -17.05 0.18
C ALA F 61 11.87 -16.05 -0.16
N VAL F 62 12.82 -15.90 0.76
CA VAL F 62 13.96 -15.02 0.57
C VAL F 62 14.81 -15.36 -0.68
N THR F 63 15.09 -16.65 -0.85
CA THR F 63 15.87 -17.12 -1.99
C THR F 63 15.17 -16.81 -3.29
N ARG F 64 13.87 -17.08 -3.33
CA ARG F 64 13.05 -16.85 -4.50
C ARG F 64 13.09 -15.37 -4.89
N VAL F 65 12.89 -14.52 -3.90
CA VAL F 65 12.95 -13.09 -4.13
C VAL F 65 14.30 -12.69 -4.70
N LEU F 66 15.36 -13.28 -4.16
CA LEU F 66 16.70 -12.95 -4.66
C LEU F 66 16.92 -13.36 -6.12
N LEU F 67 16.53 -14.58 -6.48
CA LEU F 67 16.65 -15.05 -7.86
C LEU F 67 15.90 -14.13 -8.83
N ILE F 68 14.59 -14.04 -8.60
CA ILE F 68 13.70 -13.19 -9.39
C ILE F 68 14.20 -11.74 -9.52
N SER F 69 14.53 -11.10 -8.42
CA SER F 69 14.89 -9.68 -8.52
C SER F 69 16.26 -9.47 -9.17
N SER F 70 17.16 -10.44 -9.00
CA SER F 70 18.44 -10.40 -9.72
C SER F 70 18.20 -10.42 -11.24
N VAL F 71 17.18 -11.16 -11.67
CA VAL F 71 16.83 -11.14 -13.10
C VAL F 71 16.09 -9.85 -13.57
N MET F 72 15.12 -9.43 -12.77
CA MET F 72 14.39 -8.19 -13.02
C MET F 72 15.35 -7.01 -13.14
N LEU F 73 16.42 -7.03 -12.37
CA LEU F 73 17.41 -5.96 -12.39
C LEU F 73 18.10 -5.94 -13.76
N VAL F 74 18.33 -7.11 -14.33
CA VAL F 74 18.93 -7.16 -15.66
C VAL F 74 17.98 -6.52 -16.67
N MET F 75 16.70 -6.91 -16.63
CA MET F 75 15.74 -6.30 -17.56
C MET F 75 15.68 -4.76 -17.39
N ILE F 76 15.62 -4.29 -16.14
CA ILE F 76 15.70 -2.86 -15.86
C ILE F 76 16.93 -2.18 -16.50
N VAL F 77 18.10 -2.78 -16.32
CA VAL F 77 19.31 -2.15 -16.81
C VAL F 77 19.41 -2.18 -18.33
N GLU F 78 18.87 -3.22 -18.95
CA GLU F 78 18.79 -3.25 -20.42
C GLU F 78 17.85 -2.16 -20.94
N LEU F 79 16.76 -1.89 -20.21
CA LEU F 79 15.86 -0.83 -20.64
C LEU F 79 16.53 0.55 -20.53
N LEU F 80 17.19 0.79 -19.41
CA LEU F 80 17.87 2.05 -19.24
C LEU F 80 18.96 2.22 -20.30
N ASN F 81 19.67 1.13 -20.58
CA ASN F 81 20.73 1.18 -21.56
C ASN F 81 20.25 1.49 -22.98
N SER F 82 19.13 0.88 -23.36
CA SER F 82 18.49 1.20 -24.64
C SER F 82 18.04 2.66 -24.67
N ALA F 83 17.61 3.17 -23.52
CA ALA F 83 17.02 4.49 -23.49
C ALA F 83 18.16 5.46 -23.76
N ILE F 84 19.28 5.19 -23.09
CA ILE F 84 20.53 5.87 -23.34
C ILE F 84 20.94 5.83 -24.82
N GLU F 85 20.85 4.65 -25.45
CA GLU F 85 21.17 4.56 -26.87
C GLU F 85 20.23 5.43 -27.72
N ALA F 86 18.99 5.59 -27.27
CA ALA F 86 18.03 6.41 -28.02
C ALA F 86 18.40 7.88 -27.83
N VAL F 87 18.93 8.22 -26.66
CA VAL F 87 19.40 9.58 -26.42
C VAL F 87 20.58 9.87 -27.34
N VAL F 88 21.59 9.01 -27.31
CA VAL F 88 22.77 9.10 -28.16
C VAL F 88 22.38 9.26 -29.64
N ASP F 89 21.42 8.46 -30.10
CA ASP F 89 20.96 8.58 -31.46
C ASP F 89 20.22 9.89 -31.70
N ARG F 90 19.61 10.43 -30.67
CA ARG F 90 18.85 11.67 -30.78
C ARG F 90 19.81 12.87 -30.89
N ILE F 91 20.83 12.87 -30.03
CA ILE F 91 21.94 13.80 -30.05
C ILE F 91 22.65 13.79 -31.42
N GLY F 92 23.06 12.60 -31.90
CA GLY F 92 23.68 12.48 -33.20
C GLY F 92 22.76 13.04 -34.29
N SER F 93 21.51 12.61 -34.26
CA SER F 93 20.52 13.14 -35.17
C SER F 93 20.43 14.68 -35.15
N GLU F 94 20.57 15.29 -33.98
CA GLU F 94 20.30 16.71 -33.83
C GLU F 94 21.52 17.61 -34.11
N TYR F 95 22.66 17.22 -33.56
CA TYR F 95 23.84 18.06 -33.59
C TYR F 95 24.91 17.46 -34.52
N HIS F 96 24.73 16.19 -34.90
CA HIS F 96 25.70 15.45 -35.70
C HIS F 96 26.99 15.27 -34.90
N GLU F 97 26.84 15.07 -33.60
CA GLU F 97 27.99 14.79 -32.73
C GLU F 97 27.86 13.38 -32.16
N LEU F 98 29.00 12.71 -32.00
CA LEU F 98 29.07 11.46 -31.23
C LEU F 98 28.89 11.78 -29.74
N SER F 99 28.76 10.75 -28.90
CA SER F 99 28.60 10.95 -27.46
C SER F 99 29.65 10.17 -26.68
N GLY F 100 30.91 10.27 -27.10
CA GLY F 100 32.01 9.54 -26.50
C GLY F 100 31.74 8.08 -26.20
N ARG F 101 31.95 7.70 -24.94
CA ARG F 101 31.87 6.29 -24.56
C ARG F 101 30.55 5.90 -23.89
N ALA F 102 29.52 6.71 -24.10
CA ALA F 102 28.18 6.46 -23.53
C ALA F 102 27.60 5.07 -23.78
N LYS F 103 27.54 4.66 -25.05
CA LYS F 103 26.99 3.34 -25.40
C LYS F 103 27.76 2.20 -24.73
N ASP F 104 29.09 2.31 -24.78
CA ASP F 104 29.98 1.33 -24.17
C ASP F 104 29.74 1.21 -22.67
N LEU F 105 29.52 2.35 -22.04
CA LEU F 105 29.29 2.41 -20.60
C LEU F 105 27.94 1.82 -20.19
N GLY F 106 26.86 2.18 -20.91
CA GLY F 106 25.57 1.51 -20.74
C GLY F 106 25.65 -0.02 -20.87
N SER F 107 26.31 -0.47 -21.94
CA SER F 107 26.53 -1.89 -22.15
C SER F 107 27.28 -2.55 -20.98
N ALA F 108 28.33 -1.89 -20.51
CA ALA F 108 29.07 -2.39 -19.36
C ALA F 108 28.10 -2.56 -18.16
N ALA F 109 27.31 -1.54 -17.88
CA ALA F 109 26.26 -1.62 -16.85
C ALA F 109 25.42 -2.90 -16.95
N VAL F 110 24.98 -3.20 -18.18
CA VAL F 110 24.18 -4.40 -18.44
C VAL F 110 24.97 -5.66 -18.08
N LEU F 111 26.23 -5.68 -18.50
CA LEU F 111 27.14 -6.79 -18.22
C LEU F 111 27.28 -7.05 -16.72
N ILE F 112 27.57 -6.02 -15.95
CA ILE F 112 27.68 -6.11 -14.50
C ILE F 112 26.38 -6.66 -13.93
N ALA F 113 25.24 -6.18 -14.43
CA ALA F 113 23.96 -6.72 -13.95
C ALA F 113 23.84 -8.22 -14.22
N ILE F 114 24.29 -8.63 -15.40
CA ILE F 114 24.22 -10.04 -15.77
C ILE F 114 25.12 -10.88 -14.85
N ILE F 115 26.39 -10.51 -14.77
CA ILE F 115 27.34 -11.14 -13.86
C ILE F 115 26.73 -11.26 -12.46
N ASP F 116 26.17 -10.16 -11.97
CA ASP F 116 25.51 -10.15 -10.67
C ASP F 116 24.43 -11.24 -10.58
N ALA F 117 23.61 -11.35 -11.62
CA ALA F 117 22.54 -12.34 -11.65
C ALA F 117 23.09 -13.77 -11.62
N VAL F 118 23.96 -14.08 -12.58
CA VAL F 118 24.54 -15.41 -12.69
C VAL F 118 25.23 -15.82 -11.39
N ILE F 119 25.99 -14.90 -10.83
CA ILE F 119 26.64 -15.10 -9.53
C ILE F 119 25.62 -15.43 -8.45
N THR F 120 24.58 -14.61 -8.34
CA THR F 120 23.53 -14.83 -7.36
C THR F 120 22.93 -16.23 -7.48
N TRP F 121 22.60 -16.61 -8.71
CA TRP F 121 21.94 -17.87 -8.97
C TRP F 121 22.87 -19.02 -8.61
N ALA F 122 24.11 -18.88 -9.03
CA ALA F 122 25.15 -19.87 -8.77
C ALA F 122 25.34 -20.06 -7.27
N ILE F 123 25.59 -18.98 -6.53
CA ILE F 123 25.76 -19.05 -5.08
C ILE F 123 24.56 -19.71 -4.39
N LEU F 124 23.36 -19.26 -4.72
CA LEU F 124 22.16 -19.79 -4.06
C LEU F 124 21.88 -21.27 -4.36
N LEU F 125 22.07 -21.68 -5.60
CA LEU F 125 21.79 -23.07 -5.99
C LEU F 125 22.94 -24.03 -5.71
N TRP F 126 24.15 -23.48 -5.58
CA TRP F 126 25.34 -24.26 -5.25
C TRP F 126 25.36 -24.50 -3.74
N SER F 127 24.96 -23.47 -2.98
CA SER F 127 24.78 -23.63 -1.54
C SER F 127 23.58 -24.53 -1.26
N HIS F 128 22.50 -24.37 -2.03
CA HIS F 128 21.35 -25.25 -1.91
C HIS F 128 21.72 -26.69 -2.28
N PHE F 129 22.61 -26.82 -3.26
CA PHE F 129 23.19 -28.10 -3.64
C PHE F 129 24.36 -27.92 -4.60
#